data_5E8G
#
_entry.id   5E8G
#
_cell.length_a   140.551
_cell.length_b   140.551
_cell.length_c   85.140
_cell.angle_alpha   90.00
_cell.angle_beta   90.00
_cell.angle_gamma   120.00
#
_symmetry.space_group_name_H-M   'H 3'
#
loop_
_entity.id
_entity.type
_entity.pdbx_description
1 polymer 'Friend leukemia integration 1 transcription factor'
2 non-polymer 'COBALT (II) ION'
3 water water
#
_entity_poly.entity_id   1
_entity_poly.type   'polypeptide(L)'
_entity_poly.pdbx_seq_one_letter_code
;GPHMPGSGQIQLWQFLLELLSDSANASCITWEGTNGEFKMTDPDEVARRWGERKSKPNMNYDKLSRALRYYYDKNIMTKV
HGKRYAYKFDFHGIAQALQPHPTESSMYKYPSDISYMPSYHAHQQKVN
;
_entity_poly.pdbx_strand_id   A,B,C,D
#
loop_
_chem_comp.id
_chem_comp.type
_chem_comp.name
_chem_comp.formula
CO non-polymer 'COBALT (II) ION' 'Co 2'
#
# COMPACT_ATOMS: atom_id res chain seq x y z
N GLY A 8 2.96 -29.39 -0.90
CA GLY A 8 4.25 -28.69 -0.68
C GLY A 8 4.12 -27.18 -0.73
N GLN A 9 5.22 -26.50 -1.05
CA GLN A 9 5.26 -25.04 -1.13
C GLN A 9 4.47 -24.53 -2.33
N ILE A 10 3.19 -24.22 -2.10
CA ILE A 10 2.31 -23.59 -3.08
C ILE A 10 2.29 -22.08 -2.86
N GLN A 11 2.25 -21.31 -3.95
CA GLN A 11 2.29 -19.85 -3.89
C GLN A 11 0.90 -19.22 -4.02
N LEU A 12 0.77 -18.00 -3.51
CA LEU A 12 -0.52 -17.32 -3.50
C LEU A 12 -1.17 -17.27 -4.90
N TRP A 13 -0.40 -16.86 -5.91
CA TRP A 13 -0.93 -16.79 -7.28
C TRP A 13 -1.42 -18.15 -7.75
N GLN A 14 -0.73 -19.22 -7.37
CA GLN A 14 -1.13 -20.57 -7.80
C GLN A 14 -2.43 -20.98 -7.12
N PHE A 15 -2.57 -20.57 -5.85
CA PHE A 15 -3.74 -20.87 -5.05
C PHE A 15 -4.98 -20.24 -5.68
N LEU A 16 -4.87 -18.98 -6.08
CA LEU A 16 -6.01 -18.30 -6.67
C LEU A 16 -6.49 -18.97 -7.97
N LEU A 17 -5.56 -19.45 -8.80
CA LEU A 17 -5.93 -20.16 -10.03
C LEU A 17 -6.57 -21.50 -9.70
N GLU A 18 -6.13 -22.10 -8.59
CA GLU A 18 -6.75 -23.34 -8.11
C GLU A 18 -8.20 -23.08 -7.76
N LEU A 19 -8.42 -22.06 -6.93
CA LEU A 19 -9.77 -21.66 -6.57
C LEU A 19 -10.55 -21.28 -7.82
N LEU A 20 -9.96 -20.45 -8.67
CA LEU A 20 -10.64 -20.00 -9.88
C LEU A 20 -10.98 -21.15 -10.84
N SER A 21 -10.20 -22.23 -10.80
CA SER A 21 -10.40 -23.37 -11.70
C SER A 21 -11.72 -24.14 -11.52
N ASP A 22 -12.42 -23.88 -10.42
CA ASP A 22 -13.62 -24.61 -10.05
C ASP A 22 -14.70 -23.62 -9.59
N SER A 23 -15.83 -23.62 -10.28
CA SER A 23 -16.92 -22.67 -10.02
C SER A 23 -17.68 -22.98 -8.72
N ALA A 24 -17.39 -24.13 -8.12
CA ALA A 24 -17.83 -24.42 -6.74
C ALA A 24 -17.35 -23.38 -5.71
N ASN A 25 -16.27 -22.66 -6.03
CA ASN A 25 -15.76 -21.61 -5.18
C ASN A 25 -16.33 -20.22 -5.47
N ALA A 26 -17.27 -20.11 -6.41
CA ALA A 26 -17.81 -18.80 -6.83
C ALA A 26 -18.29 -17.88 -5.68
N SER A 27 -18.69 -18.47 -4.54
CA SER A 27 -19.14 -17.67 -3.39
C SER A 27 -18.02 -16.82 -2.81
N CYS A 28 -16.77 -17.21 -3.03
CA CYS A 28 -15.63 -16.39 -2.61
C CYS A 28 -14.76 -15.84 -3.74
N ILE A 29 -14.61 -16.55 -4.87
CA ILE A 29 -13.80 -16.04 -5.98
C ILE A 29 -14.23 -16.61 -7.35
N THR A 30 -14.19 -15.79 -8.39
CA THR A 30 -14.72 -16.14 -9.71
C THR A 30 -14.13 -15.30 -10.84
N TRP A 31 -13.80 -15.94 -11.96
CA TRP A 31 -13.51 -15.18 -13.17
C TRP A 31 -14.72 -14.31 -13.46
N GLU A 32 -14.49 -13.11 -13.93
CA GLU A 32 -15.53 -12.24 -14.44
C GLU A 32 -14.87 -11.11 -15.19
N GLY A 33 -15.24 -10.96 -16.46
CA GLY A 33 -14.66 -9.93 -17.33
C GLY A 33 -13.97 -10.62 -18.49
N THR A 34 -12.99 -9.94 -19.08
CA THR A 34 -12.21 -10.49 -20.17
C THR A 34 -10.98 -11.24 -19.65
N ASN A 35 -10.13 -11.73 -20.56
CA ASN A 35 -9.04 -12.68 -20.26
C ASN A 35 -8.25 -12.27 -19.06
N GLY A 36 -8.31 -13.07 -18.00
CA GLY A 36 -7.55 -12.81 -16.79
C GLY A 36 -8.31 -12.17 -15.63
N GLU A 37 -9.47 -11.60 -15.90
CA GLU A 37 -10.16 -10.78 -14.89
C GLU A 37 -11.01 -11.63 -13.98
N PHE A 38 -10.85 -11.41 -12.68
CA PHE A 38 -11.65 -12.09 -11.67
C PHE A 38 -12.05 -11.11 -10.57
N LYS A 39 -12.93 -11.57 -9.67
CA LYS A 39 -13.32 -10.77 -8.53
C LYS A 39 -13.44 -11.69 -7.35
N MET A 40 -13.01 -11.22 -6.19
CA MET A 40 -13.20 -11.92 -4.94
C MET A 40 -14.57 -11.56 -4.38
N THR A 41 -15.50 -12.50 -4.54
CA THR A 41 -16.84 -12.33 -4.06
C THR A 41 -16.85 -12.36 -2.54
N ASP A 42 -15.87 -13.02 -1.94
CA ASP A 42 -15.67 -12.98 -0.48
C ASP A 42 -14.17 -12.90 -0.17
N PRO A 43 -13.62 -11.70 -0.05
CA PRO A 43 -12.18 -11.61 0.20
C PRO A 43 -11.78 -12.23 1.54
N ASP A 44 -12.61 -12.05 2.56
CA ASP A 44 -12.35 -12.64 3.87
C ASP A 44 -12.21 -14.15 3.79
N GLU A 45 -13.13 -14.80 3.09
CA GLU A 45 -13.08 -16.25 2.90
C GLU A 45 -11.88 -16.70 2.07
N VAL A 46 -11.43 -15.88 1.14
CA VAL A 46 -10.29 -16.22 0.31
C VAL A 46 -9.01 -16.12 1.16
N ALA A 47 -8.92 -15.08 1.98
CA ALA A 47 -7.81 -14.95 2.91
C ALA A 47 -7.78 -16.12 3.91
N ARG A 48 -8.94 -16.49 4.44
CA ARG A 48 -9.02 -17.55 5.43
C ARG A 48 -8.49 -18.86 4.85
N ARG A 49 -8.99 -19.22 3.68
CA ARG A 49 -8.58 -20.46 3.03
C ARG A 49 -7.08 -20.53 2.73
N TRP A 50 -6.49 -19.40 2.36
CA TRP A 50 -5.05 -19.29 2.13
C TRP A 50 -4.30 -19.57 3.43
N GLY A 51 -4.68 -18.84 4.48
CA GLY A 51 -4.13 -19.04 5.82
C GLY A 51 -4.14 -20.51 6.24
N GLU A 52 -5.21 -21.21 5.92
CA GLU A 52 -5.30 -22.63 6.23
C GLU A 52 -4.27 -23.40 5.41
N ARG A 53 -4.21 -23.11 4.12
CA ARG A 53 -3.37 -23.87 3.19
C ARG A 53 -1.89 -23.68 3.46
N LYS A 54 -1.49 -22.46 3.74
CA LYS A 54 -0.10 -22.17 4.06
C LYS A 54 0.15 -22.25 5.57
N SER A 55 -0.73 -22.94 6.31
CA SER A 55 -0.72 -22.92 7.78
C SER A 55 -0.10 -21.64 8.35
N LYS A 56 -0.70 -20.50 7.99
CA LYS A 56 -0.44 -19.22 8.60
C LYS A 56 -1.81 -18.67 9.04
N PRO A 57 -2.26 -19.02 10.27
CA PRO A 57 -3.59 -18.59 10.72
C PRO A 57 -3.67 -17.13 11.19
N ASN A 58 -2.59 -16.36 11.03
CA ASN A 58 -2.64 -14.90 11.17
C ASN A 58 -3.14 -14.19 9.91
N MET A 59 -3.37 -14.96 8.85
CA MET A 59 -3.77 -14.42 7.54
C MET A 59 -5.21 -13.87 7.52
N ASN A 60 -5.34 -12.68 6.94
CA ASN A 60 -6.62 -12.02 6.75
C ASN A 60 -6.60 -11.31 5.39
N TYR A 61 -7.65 -10.56 5.05
CA TYR A 61 -7.70 -9.86 3.76
C TYR A 61 -6.60 -8.79 3.60
N ASP A 62 -6.37 -7.98 4.63
CA ASP A 62 -5.35 -6.92 4.54
C ASP A 62 -3.97 -7.49 4.15
N LYS A 63 -3.60 -8.60 4.77
CA LYS A 63 -2.31 -9.23 4.51
C LYS A 63 -2.24 -9.88 3.13
N LEU A 64 -3.34 -10.51 2.73
CA LEU A 64 -3.44 -11.04 1.38
C LEU A 64 -3.35 -9.92 0.33
N SER A 65 -4.04 -8.80 0.55
CA SER A 65 -3.96 -7.67 -0.40
C SER A 65 -2.54 -7.12 -0.51
N ARG A 66 -1.79 -7.14 0.60
CA ARG A 66 -0.41 -6.68 0.64
C ARG A 66 0.48 -7.62 -0.17
N ALA A 67 0.27 -8.92 -0.02
CA ALA A 67 1.07 -9.91 -0.74
C ALA A 67 0.89 -9.84 -2.25
N LEU A 68 -0.31 -9.47 -2.70
CA LEU A 68 -0.58 -9.29 -4.12
C LEU A 68 0.19 -8.10 -4.70
N ARG A 69 0.47 -7.10 -3.87
CA ARG A 69 1.18 -5.89 -4.28
C ARG A 69 2.52 -6.26 -4.92
N TYR A 70 3.23 -7.19 -4.27
CA TYR A 70 4.45 -7.79 -4.81
C TYR A 70 4.27 -8.22 -6.28
N TYR A 71 3.15 -8.88 -6.56
CA TYR A 71 2.84 -9.35 -7.92
C TYR A 71 2.59 -8.26 -9.00
N TYR A 72 2.47 -6.99 -8.64
CA TYR A 72 2.21 -5.98 -9.66
C TYR A 72 3.49 -5.68 -10.44
N ASP A 73 4.60 -5.56 -9.71
CA ASP A 73 5.91 -5.32 -10.32
C ASP A 73 6.47 -6.54 -11.06
N LYS A 74 6.00 -7.74 -10.74
CA LYS A 74 6.40 -8.94 -11.49
C LYS A 74 5.57 -9.19 -12.76
N ASN A 75 4.58 -8.33 -13.02
CA ASN A 75 3.61 -8.51 -14.13
C ASN A 75 2.80 -9.79 -14.05
N ILE A 76 2.54 -10.29 -12.84
CA ILE A 76 1.76 -11.50 -12.67
C ILE A 76 0.28 -11.16 -12.64
N MET A 77 -0.03 -10.03 -12.02
CA MET A 77 -1.41 -9.57 -11.99
C MET A 77 -1.44 -8.10 -11.68
N THR A 78 -2.62 -7.50 -11.76
CA THR A 78 -2.78 -6.07 -11.53
C THR A 78 -4.19 -5.81 -10.95
N LYS A 79 -4.28 -4.90 -9.97
CA LYS A 79 -5.58 -4.46 -9.41
C LYS A 79 -6.29 -3.59 -10.38
N VAL A 80 -7.58 -3.83 -10.58
CA VAL A 80 -8.38 -2.94 -11.38
C VAL A 80 -8.83 -1.75 -10.51
N HIS A 81 -8.22 -0.58 -10.75
CA HIS A 81 -8.59 0.63 -10.05
C HIS A 81 -10.03 0.94 -10.41
N GLY A 82 -10.76 1.54 -9.48
CA GLY A 82 -12.15 1.95 -9.76
C GLY A 82 -13.14 0.95 -9.22
N LYS A 83 -13.07 -0.30 -9.69
CA LYS A 83 -13.80 -1.40 -9.04
C LYS A 83 -13.02 -1.76 -7.78
N ARG A 84 -13.63 -2.55 -6.90
CA ARG A 84 -12.97 -3.05 -5.69
C ARG A 84 -13.09 -4.58 -5.64
N TYR A 85 -12.13 -5.22 -4.98
CA TYR A 85 -11.94 -6.68 -5.03
C TYR A 85 -11.75 -7.26 -6.45
N ALA A 86 -11.58 -6.42 -7.48
CA ALA A 86 -11.37 -6.91 -8.87
C ALA A 86 -9.90 -6.90 -9.22
N TYR A 87 -9.45 -7.94 -9.92
CA TYR A 87 -8.05 -8.13 -10.27
C TYR A 87 -7.92 -8.72 -11.68
N LYS A 88 -6.70 -8.77 -12.18
CA LYS A 88 -6.48 -9.31 -13.51
C LYS A 88 -5.13 -9.99 -13.61
N PHE A 89 -5.14 -11.30 -13.85
CA PHE A 89 -3.92 -12.06 -14.11
C PHE A 89 -3.39 -11.69 -15.49
N ASP A 90 -2.06 -11.53 -15.59
CA ASP A 90 -1.34 -11.13 -16.83
C ASP A 90 -0.49 -12.31 -17.27
N PHE A 91 -0.54 -12.65 -18.55
CA PHE A 91 0.23 -13.80 -19.02
C PHE A 91 1.71 -13.51 -19.10
N HIS A 92 2.11 -12.24 -19.17
CA HIS A 92 3.54 -11.93 -19.21
C HIS A 92 4.25 -12.52 -18.01
N GLY A 93 3.82 -12.13 -16.81
CA GLY A 93 4.48 -12.56 -15.58
C GLY A 93 4.15 -13.97 -15.17
N ILE A 94 2.92 -14.42 -15.43
CA ILE A 94 2.54 -15.80 -15.09
C ILE A 94 3.44 -16.79 -15.83
N ALA A 95 3.76 -16.52 -17.09
CA ALA A 95 4.60 -17.42 -17.89
C ALA A 95 6.01 -17.49 -17.29
N GLN A 96 6.48 -16.37 -16.76
CA GLN A 96 7.78 -16.33 -16.12
C GLN A 96 7.73 -17.00 -14.74
N ALA A 97 6.71 -16.69 -13.96
CA ALA A 97 6.52 -17.33 -12.66
C ALA A 97 6.35 -18.85 -12.78
N LEU A 98 5.94 -19.31 -13.96
CA LEU A 98 5.73 -20.72 -14.19
C LEU A 98 7.04 -21.46 -14.45
N GLN A 99 8.15 -20.72 -14.49
CA GLN A 99 9.46 -21.28 -14.83
C GLN A 99 10.36 -21.50 -13.60
N PRO A 100 11.02 -22.67 -13.52
CA PRO A 100 12.12 -22.84 -12.54
C PRO A 100 13.37 -22.02 -12.90
N GLY B 8 -13.70 26.04 5.84
CA GLY B 8 -13.12 25.83 4.48
C GLY B 8 -12.44 24.49 4.34
N GLN B 9 -11.31 24.49 3.63
CA GLN B 9 -10.54 23.26 3.37
C GLN B 9 -9.66 22.87 4.57
N ILE B 10 -9.96 21.70 5.15
CA ILE B 10 -9.24 21.16 6.30
C ILE B 10 -8.63 19.84 5.90
N GLN B 11 -7.41 19.57 6.41
CA GLN B 11 -6.61 18.43 5.99
C GLN B 11 -6.83 17.18 6.87
N LEU B 12 -6.47 16.01 6.35
CA LEU B 12 -6.72 14.75 7.06
C LEU B 12 -6.01 14.69 8.43
N TRP B 13 -4.69 14.93 8.45
CA TRP B 13 -3.94 14.91 9.71
C TRP B 13 -4.55 15.86 10.71
N GLN B 14 -5.03 16.99 10.20
CA GLN B 14 -5.70 18.03 10.98
C GLN B 14 -7.03 17.52 11.53
N PHE B 15 -7.78 16.82 10.69
CA PHE B 15 -9.08 16.25 11.06
C PHE B 15 -8.93 15.24 12.21
N LEU B 16 -7.95 14.36 12.11
CA LEU B 16 -7.74 13.33 13.13
C LEU B 16 -7.35 13.95 14.48
N LEU B 17 -6.51 14.98 14.47
CA LEU B 17 -6.18 15.69 15.72
C LEU B 17 -7.42 16.35 16.33
N GLU B 18 -8.33 16.84 15.47
CA GLU B 18 -9.60 17.42 15.92
C GLU B 18 -10.44 16.39 16.67
N LEU B 19 -10.60 15.23 16.06
CA LEU B 19 -11.32 14.12 16.70
C LEU B 19 -10.64 13.69 18.00
N LEU B 20 -9.32 13.56 17.94
CA LEU B 20 -8.56 13.12 19.10
C LEU B 20 -8.61 14.12 20.27
N SER B 21 -8.79 15.39 19.96
CA SER B 21 -8.87 16.44 20.99
C SER B 21 -10.04 16.28 21.98
N ASP B 22 -11.08 15.56 21.59
CA ASP B 22 -12.28 15.41 22.41
C ASP B 22 -12.58 13.92 22.61
N SER B 23 -12.60 13.48 23.86
CA SER B 23 -12.81 12.08 24.19
C SER B 23 -14.28 11.63 24.03
N ALA B 24 -15.16 12.57 23.69
CA ALA B 24 -16.50 12.22 23.18
C ALA B 24 -16.42 11.32 21.93
N ASN B 25 -15.31 11.42 21.20
CA ASN B 25 -15.05 10.61 20.01
C ASN B 25 -14.34 9.29 20.25
N ALA B 26 -14.25 8.83 21.50
CA ALA B 26 -13.46 7.62 21.82
C ALA B 26 -13.94 6.34 21.13
N SER B 27 -15.22 6.26 20.81
CA SER B 27 -15.77 5.04 20.21
C SER B 27 -15.26 4.83 18.78
N CYS B 28 -14.73 5.88 18.15
CA CYS B 28 -14.06 5.71 16.86
C CYS B 28 -12.56 6.00 16.86
N ILE B 29 -12.10 6.93 17.70
CA ILE B 29 -10.67 7.27 17.74
C ILE B 29 -10.26 7.87 19.09
N THR B 30 -9.10 7.43 19.59
CA THR B 30 -8.60 7.83 20.91
C THR B 30 -7.08 7.74 21.01
N TRP B 31 -6.49 8.66 21.77
CA TRP B 31 -5.08 8.51 22.13
C TRP B 31 -4.99 7.26 22.99
N GLU B 32 -3.93 6.48 22.78
CA GLU B 32 -3.59 5.36 23.64
C GLU B 32 -2.13 5.07 23.38
N GLY B 33 -1.33 5.10 24.44
CA GLY B 33 0.13 4.90 24.34
C GLY B 33 0.90 6.13 24.78
N THR B 34 2.12 6.26 24.28
CA THR B 34 3.00 7.39 24.63
C THR B 34 2.80 8.54 23.62
N ASN B 35 3.66 9.57 23.68
CA ASN B 35 3.47 10.78 22.86
C ASN B 35 3.14 10.43 21.42
N GLY B 36 1.95 10.82 20.98
CA GLY B 36 1.58 10.73 19.58
C GLY B 36 0.83 9.49 19.16
N GLU B 37 0.74 8.52 20.06
CA GLU B 37 0.19 7.23 19.69
C GLU B 37 -1.31 7.22 19.88
N PHE B 38 -2.01 6.73 18.87
CA PHE B 38 -3.47 6.63 18.92
C PHE B 38 -3.97 5.41 18.17
N LYS B 39 -5.22 5.06 18.40
CA LYS B 39 -5.84 3.98 17.66
C LYS B 39 -7.25 4.36 17.27
N MET B 40 -7.66 3.82 16.15
CA MET B 40 -9.01 3.99 15.66
C MET B 40 -9.83 2.83 16.17
N THR B 41 -10.64 3.12 17.16
CA THR B 41 -11.55 2.16 17.72
C THR B 41 -12.64 1.81 16.71
N ASP B 42 -12.95 2.71 15.79
CA ASP B 42 -13.86 2.39 14.68
C ASP B 42 -13.33 3.05 13.40
N PRO B 43 -12.46 2.34 12.69
CA PRO B 43 -11.93 2.96 11.46
C PRO B 43 -13.02 3.32 10.45
N ASP B 44 -14.07 2.51 10.36
CA ASP B 44 -15.15 2.79 9.40
C ASP B 44 -15.86 4.09 9.73
N GLU B 45 -16.14 4.29 11.01
CA GLU B 45 -16.74 5.53 11.46
C GLU B 45 -15.83 6.73 11.23
N VAL B 46 -14.51 6.56 11.36
CA VAL B 46 -13.59 7.68 11.15
C VAL B 46 -13.59 8.05 9.67
N ALA B 47 -13.49 7.04 8.81
CA ALA B 47 -13.59 7.27 7.37
C ALA B 47 -14.89 7.99 6.97
N ARG B 48 -16.01 7.54 7.52
CA ARG B 48 -17.31 8.14 7.22
C ARG B 48 -17.39 9.62 7.61
N ARG B 49 -16.92 9.94 8.81
CA ARG B 49 -16.92 11.33 9.28
C ARG B 49 -16.03 12.24 8.43
N TRP B 50 -14.94 11.69 7.91
CA TRP B 50 -14.04 12.41 7.00
C TRP B 50 -14.74 12.74 5.67
N GLY B 51 -15.42 11.74 5.09
CA GLY B 51 -16.24 11.95 3.91
C GLY B 51 -17.26 13.07 4.10
N GLU B 52 -17.92 13.07 5.24
CA GLU B 52 -18.86 14.13 5.57
C GLU B 52 -18.18 15.51 5.72
N ARG B 53 -16.95 15.56 6.24
CA ARG B 53 -16.23 16.83 6.38
C ARG B 53 -15.74 17.37 5.05
N LYS B 54 -15.21 16.50 4.20
CA LYS B 54 -14.70 16.89 2.89
C LYS B 54 -15.71 16.70 1.76
N SER B 55 -16.98 16.51 2.09
CA SER B 55 -18.01 16.19 1.10
C SER B 55 -17.46 15.25 0.01
N LYS B 56 -17.06 14.05 0.44
CA LYS B 56 -16.72 12.97 -0.48
C LYS B 56 -17.37 11.69 0.03
N PRO B 57 -18.64 11.43 -0.36
CA PRO B 57 -19.37 10.29 0.17
C PRO B 57 -18.90 8.93 -0.38
N ASN B 58 -17.91 8.95 -1.28
CA ASN B 58 -17.21 7.74 -1.75
C ASN B 58 -16.08 7.29 -0.82
N MET B 59 -15.86 8.04 0.26
CA MET B 59 -14.75 7.77 1.20
C MET B 59 -15.04 6.55 2.09
N ASN B 60 -13.98 5.78 2.33
CA ASN B 60 -14.03 4.61 3.20
C ASN B 60 -12.66 4.38 3.87
N TYR B 61 -12.57 3.36 4.73
CA TYR B 61 -11.32 3.10 5.47
C TYR B 61 -10.15 2.77 4.55
N ASP B 62 -10.39 2.01 3.48
CA ASP B 62 -9.31 1.66 2.57
C ASP B 62 -8.67 2.91 1.93
N LYS B 63 -9.52 3.83 1.49
CA LYS B 63 -9.03 5.09 0.93
C LYS B 63 -8.40 5.97 2.00
N LEU B 64 -8.98 5.97 3.20
CA LEU B 64 -8.38 6.71 4.32
C LEU B 64 -6.97 6.16 4.67
N SER B 65 -6.81 4.84 4.73
CA SER B 65 -5.49 4.26 5.02
C SER B 65 -4.45 4.50 3.90
N ARG B 66 -4.92 4.73 2.68
CA ARG B 66 -4.03 5.09 1.57
C ARG B 66 -3.58 6.54 1.71
N ALA B 67 -4.52 7.42 1.99
CA ALA B 67 -4.24 8.85 2.21
C ALA B 67 -3.18 9.08 3.29
N LEU B 68 -3.19 8.22 4.30
CA LEU B 68 -2.21 8.26 5.40
C LEU B 68 -0.81 7.85 4.94
N ARG B 69 -0.73 6.96 3.96
CA ARG B 69 0.56 6.49 3.45
C ARG B 69 1.41 7.70 3.04
N TYR B 70 0.80 8.62 2.29
CA TYR B 70 1.40 9.91 1.95
C TYR B 70 2.10 10.60 3.15
N TYR B 71 1.50 10.51 4.33
CA TYR B 71 2.09 11.10 5.55
C TYR B 71 3.29 10.36 6.14
N TYR B 72 3.61 9.17 5.67
CA TYR B 72 4.72 8.43 6.26
C TYR B 72 6.03 9.05 5.84
N ASP B 73 6.16 9.32 4.54
CA ASP B 73 7.36 9.96 3.97
C ASP B 73 7.49 11.44 4.35
N LYS B 74 6.42 12.07 4.82
CA LYS B 74 6.49 13.43 5.34
C LYS B 74 6.82 13.51 6.84
N ASN B 75 7.02 12.37 7.49
CA ASN B 75 7.19 12.29 8.95
C ASN B 75 6.07 12.94 9.73
N ILE B 76 4.85 12.91 9.20
CA ILE B 76 3.72 13.48 9.93
C ILE B 76 3.22 12.40 10.87
N MET B 77 3.18 11.17 10.38
CA MET B 77 2.85 10.06 11.24
C MET B 77 3.40 8.77 10.69
N THR B 78 3.32 7.73 11.50
CA THR B 78 3.79 6.41 11.14
C THR B 78 2.77 5.40 11.67
N LYS B 79 2.73 4.21 11.06
CA LYS B 79 1.73 3.19 11.36
C LYS B 79 2.37 2.13 12.21
N VAL B 80 1.90 1.95 13.44
CA VAL B 80 2.52 0.95 14.31
C VAL B 80 2.33 -0.44 13.71
N HIS B 81 3.44 -1.01 13.21
CA HIS B 81 3.45 -2.35 12.65
C HIS B 81 3.23 -3.28 13.83
N GLY B 82 2.62 -4.44 13.57
CA GLY B 82 2.30 -5.39 14.62
C GLY B 82 0.86 -5.23 15.07
N LYS B 83 0.56 -4.13 15.77
CA LYS B 83 -0.83 -3.82 16.13
C LYS B 83 -1.53 -3.41 14.82
N ARG B 84 -2.86 -3.31 14.85
CA ARG B 84 -3.64 -2.86 13.70
C ARG B 84 -4.57 -1.71 14.12
N TYR B 85 -4.86 -0.83 13.16
CA TYR B 85 -5.49 0.46 13.45
C TYR B 85 -4.71 1.36 14.44
N ALA B 86 -3.44 1.06 14.73
CA ALA B 86 -2.61 1.89 15.63
C ALA B 86 -1.66 2.77 14.83
N TYR B 87 -1.53 4.02 15.23
CA TYR B 87 -0.70 5.00 14.50
C TYR B 87 0.01 5.91 15.47
N LYS B 88 0.95 6.71 14.97
CA LYS B 88 1.70 7.62 15.81
C LYS B 88 2.01 8.93 15.10
N PHE B 89 1.48 10.04 15.62
CA PHE B 89 1.87 11.36 15.15
C PHE B 89 3.31 11.68 15.55
N ASP B 90 4.08 12.30 14.64
CA ASP B 90 5.51 12.63 14.82
C ASP B 90 5.59 14.13 14.75
N PHE B 91 6.35 14.75 15.66
CA PHE B 91 6.40 16.19 15.73
C PHE B 91 7.28 16.75 14.63
N HIS B 92 8.24 15.97 14.16
CA HIS B 92 9.07 16.42 13.04
C HIS B 92 8.23 16.96 11.88
N GLY B 93 7.34 16.12 11.36
CA GLY B 93 6.51 16.49 10.20
C GLY B 93 5.33 17.38 10.53
N ILE B 94 4.79 17.27 11.73
CA ILE B 94 3.66 18.11 12.13
C ILE B 94 4.09 19.57 12.24
N ALA B 95 5.27 19.82 12.81
CA ALA B 95 5.78 21.17 12.94
C ALA B 95 5.93 21.81 11.56
N GLN B 96 6.43 21.03 10.61
CA GLN B 96 6.56 21.49 9.23
C GLN B 96 5.21 21.69 8.54
N ALA B 97 4.27 20.78 8.73
CA ALA B 97 2.93 20.90 8.13
C ALA B 97 2.12 22.09 8.67
N LEU B 98 2.50 22.62 9.82
CA LEU B 98 1.90 23.83 10.34
C LEU B 98 2.46 25.08 9.70
N GLN B 99 3.42 24.93 8.79
CA GLN B 99 4.03 26.09 8.15
C GLN B 99 3.38 26.37 6.80
N PRO B 100 3.00 27.65 6.56
CA PRO B 100 2.61 28.10 5.23
C PRO B 100 3.69 27.88 4.19
N GLY C 8 12.09 -33.55 -18.46
CA GLY C 8 10.88 -34.33 -18.02
C GLY C 8 9.74 -34.21 -19.02
N GLN C 9 8.69 -35.00 -18.79
CA GLN C 9 7.50 -35.01 -19.64
C GLN C 9 6.74 -33.68 -19.53
N ILE C 10 6.74 -32.92 -20.62
CA ILE C 10 6.22 -31.56 -20.66
C ILE C 10 5.15 -31.49 -21.75
N GLN C 11 4.19 -30.57 -21.58
CA GLN C 11 3.06 -30.44 -22.50
C GLN C 11 3.26 -29.31 -23.51
N LEU C 12 2.56 -29.40 -24.64
CA LEU C 12 2.71 -28.41 -25.70
C LEU C 12 2.40 -26.99 -25.21
N TRP C 13 1.28 -26.81 -24.50
CA TRP C 13 0.93 -25.48 -23.97
C TRP C 13 1.98 -25.03 -22.98
N GLN C 14 2.56 -25.98 -22.26
CA GLN C 14 3.55 -25.68 -21.26
C GLN C 14 4.82 -25.19 -21.95
N PHE C 15 5.14 -25.86 -23.06
CA PHE C 15 6.34 -25.57 -23.83
C PHE C 15 6.30 -24.16 -24.43
N LEU C 16 5.16 -23.76 -24.96
CA LEU C 16 5.04 -22.44 -25.59
C LEU C 16 5.19 -21.32 -24.56
N LEU C 17 4.59 -21.50 -23.38
CA LEU C 17 4.76 -20.52 -22.30
C LEU C 17 6.23 -20.41 -21.90
N GLU C 18 6.95 -21.53 -21.92
CA GLU C 18 8.38 -21.53 -21.60
C GLU C 18 9.13 -20.66 -22.59
N LEU C 19 8.92 -20.95 -23.87
CA LEU C 19 9.49 -20.15 -24.94
C LEU C 19 9.08 -18.69 -24.82
N LEU C 20 7.78 -18.45 -24.65
CA LEU C 20 7.27 -17.10 -24.51
C LEU C 20 7.88 -16.34 -23.32
N SER C 21 8.24 -17.05 -22.25
CA SER C 21 8.82 -16.44 -21.05
C SER C 21 10.14 -15.66 -21.29
N ASP C 22 10.83 -15.98 -22.37
CA ASP C 22 12.14 -15.38 -22.65
C ASP C 22 12.18 -14.77 -24.05
N SER C 23 12.44 -13.47 -24.09
CA SER C 23 12.42 -12.69 -25.33
C SER C 23 13.62 -12.99 -26.25
N ALA C 24 14.59 -13.75 -25.75
CA ALA C 24 15.63 -14.35 -26.58
C ALA C 24 15.10 -15.31 -27.65
N ASN C 25 13.83 -15.74 -27.50
CA ASN C 25 13.17 -16.59 -28.49
C ASN C 25 12.30 -15.83 -29.49
N ALA C 26 12.28 -14.49 -29.40
CA ALA C 26 11.44 -13.65 -30.28
C ALA C 26 11.53 -13.97 -31.79
N SER C 27 12.66 -14.51 -32.23
CA SER C 27 12.86 -14.83 -33.65
C SER C 27 11.94 -15.98 -34.10
N CYS C 28 11.47 -16.80 -33.14
CA CYS C 28 10.46 -17.83 -33.45
C CYS C 28 9.09 -17.69 -32.75
N ILE C 29 9.04 -16.99 -31.61
CA ILE C 29 7.77 -16.80 -30.89
C ILE C 29 7.87 -15.64 -29.89
N THR C 30 6.85 -14.79 -29.86
CA THR C 30 6.81 -13.59 -29.00
C THR C 30 5.38 -13.22 -28.63
N TRP C 31 5.20 -12.70 -27.42
CA TRP C 31 3.94 -12.09 -27.06
C TRP C 31 3.79 -10.88 -27.97
N GLU C 32 2.57 -10.62 -28.42
CA GLU C 32 2.26 -9.39 -29.12
C GLU C 32 0.76 -9.25 -29.09
N GLY C 33 0.27 -8.10 -28.66
CA GLY C 33 -1.16 -7.90 -28.48
C GLY C 33 -1.52 -7.74 -27.01
N THR C 34 -2.77 -8.04 -26.67
CA THR C 34 -3.26 -7.86 -25.32
C THR C 34 -3.14 -9.20 -24.58
N ASN C 35 -3.65 -9.26 -23.35
CA ASN C 35 -3.45 -10.42 -22.47
C ASN C 35 -3.60 -11.75 -23.18
N GLY C 36 -2.51 -12.51 -23.24
CA GLY C 36 -2.53 -13.85 -23.81
C GLY C 36 -2.20 -13.98 -25.29
N GLU C 37 -2.10 -12.84 -25.99
CA GLU C 37 -1.90 -12.87 -27.45
C GLU C 37 -0.44 -13.02 -27.81
N PHE C 38 -0.17 -13.96 -28.72
CA PHE C 38 1.18 -14.18 -29.22
C PHE C 38 1.18 -14.56 -30.70
N LYS C 39 2.35 -14.50 -31.32
CA LYS C 39 2.46 -14.88 -32.73
C LYS C 39 3.75 -15.64 -32.87
N MET C 40 3.74 -16.64 -33.72
CA MET C 40 4.94 -17.40 -34.04
C MET C 40 5.67 -16.76 -35.22
N THR C 41 6.71 -16.02 -34.89
CA THR C 41 7.56 -15.40 -35.85
C THR C 41 8.26 -16.43 -36.73
N ASP C 42 8.47 -17.64 -36.21
CA ASP C 42 8.97 -18.76 -37.03
C ASP C 42 8.27 -20.03 -36.59
N PRO C 43 7.12 -20.33 -37.21
CA PRO C 43 6.43 -21.55 -36.80
C PRO C 43 7.26 -22.81 -37.06
N ASP C 44 8.05 -22.82 -38.12
CA ASP C 44 8.87 -23.99 -38.45
C ASP C 44 9.91 -24.26 -37.36
N GLU C 45 10.53 -23.20 -36.87
CA GLU C 45 11.46 -23.30 -35.76
C GLU C 45 10.80 -23.76 -34.45
N VAL C 46 9.58 -23.28 -34.20
CA VAL C 46 8.86 -23.64 -32.99
C VAL C 46 8.57 -25.13 -33.01
N ALA C 47 8.09 -25.64 -34.14
CA ALA C 47 7.85 -27.08 -34.29
C ALA C 47 9.13 -27.92 -34.14
N ARG C 48 10.24 -27.40 -34.65
CA ARG C 48 11.49 -28.13 -34.59
C ARG C 48 11.88 -28.32 -33.13
N ARG C 49 11.94 -27.21 -32.39
CA ARG C 49 12.30 -27.24 -30.98
C ARG C 49 11.40 -28.14 -30.11
N TRP C 50 10.12 -28.19 -30.45
CA TRP C 50 9.16 -29.07 -29.79
C TRP C 50 9.57 -30.52 -29.99
N GLY C 51 9.73 -30.90 -31.27
CA GLY C 51 10.14 -32.26 -31.66
C GLY C 51 11.37 -32.74 -30.91
N GLU C 52 12.35 -31.85 -30.77
CA GLU C 52 13.53 -32.15 -29.98
C GLU C 52 13.14 -32.40 -28.52
N ARG C 53 12.37 -31.48 -27.93
CA ARG C 53 11.97 -31.59 -26.52
C ARG C 53 11.18 -32.86 -26.19
N LYS C 54 10.23 -33.23 -27.05
CA LYS C 54 9.43 -34.43 -26.82
C LYS C 54 9.98 -35.67 -27.53
N SER C 55 11.24 -35.58 -27.97
CA SER C 55 11.89 -36.64 -28.77
C SER C 55 10.93 -37.24 -29.80
N LYS C 56 10.20 -36.38 -30.50
CA LYS C 56 9.36 -36.77 -31.61
C LYS C 56 9.89 -36.06 -32.85
N PRO C 57 10.86 -36.69 -33.55
CA PRO C 57 11.57 -36.03 -34.65
C PRO C 57 10.78 -35.97 -35.97
N ASN C 58 9.57 -36.53 -35.98
CA ASN C 58 8.65 -36.37 -37.12
C ASN C 58 7.90 -35.03 -37.08
N MET C 59 8.11 -34.25 -36.02
CA MET C 59 7.32 -33.03 -35.75
C MET C 59 7.65 -31.90 -36.73
N ASN C 60 6.60 -31.14 -37.07
CA ASN C 60 6.67 -30.02 -38.00
C ASN C 60 5.49 -29.08 -37.74
N TYR C 61 5.38 -27.97 -38.48
CA TYR C 61 4.32 -26.99 -38.21
C TYR C 61 2.92 -27.55 -38.38
N ASP C 62 2.66 -28.30 -39.45
CA ASP C 62 1.31 -28.84 -39.69
C ASP C 62 0.81 -29.69 -38.51
N LYS C 63 1.70 -30.51 -37.94
CA LYS C 63 1.35 -31.32 -36.77
C LYS C 63 1.23 -30.50 -35.50
N LEU C 64 2.08 -29.50 -35.35
CA LEU C 64 1.95 -28.58 -34.21
C LEU C 64 0.59 -27.86 -34.24
N SER C 65 0.18 -27.35 -35.40
CA SER C 65 -1.12 -26.66 -35.48
C SER C 65 -2.31 -27.60 -35.23
N ARG C 66 -2.14 -28.88 -35.55
CA ARG C 66 -3.14 -29.91 -35.24
C ARG C 66 -3.26 -30.10 -33.73
N ALA C 67 -2.12 -30.22 -33.06
CA ALA C 67 -2.09 -30.42 -31.61
C ALA C 67 -2.78 -29.32 -30.83
N LEU C 68 -2.67 -28.08 -31.33
CA LEU C 68 -3.26 -26.92 -30.69
C LEU C 68 -4.78 -26.92 -30.79
N ARG C 69 -5.30 -27.42 -31.91
CA ARG C 69 -6.75 -27.50 -32.13
C ARG C 69 -7.46 -28.20 -30.95
N TYR C 70 -6.83 -29.24 -30.42
CA TYR C 70 -7.21 -29.88 -29.16
C TYR C 70 -7.50 -28.85 -28.05
N TYR C 71 -6.58 -27.89 -27.88
CA TYR C 71 -6.71 -26.82 -26.88
C TYR C 71 -7.83 -25.79 -27.10
N TYR C 72 -8.53 -25.83 -28.21
CA TYR C 72 -9.58 -24.86 -28.47
C TYR C 72 -10.79 -25.19 -27.62
N ASP C 73 -11.21 -26.46 -27.66
CA ASP C 73 -12.34 -26.93 -26.86
C ASP C 73 -12.02 -27.10 -25.36
N LYS C 74 -10.75 -27.10 -24.98
CA LYS C 74 -10.38 -27.03 -23.57
C LYS C 74 -10.30 -25.60 -23.05
N ASN C 75 -10.54 -24.63 -23.94
CA ASN C 75 -10.41 -23.20 -23.64
C ASN C 75 -9.04 -22.81 -23.14
N ILE C 76 -8.01 -23.53 -23.59
CA ILE C 76 -6.64 -23.25 -23.16
C ILE C 76 -6.09 -22.19 -24.07
N MET C 77 -6.39 -22.30 -25.36
CA MET C 77 -6.06 -21.23 -26.29
C MET C 77 -7.02 -21.21 -27.44
N THR C 78 -6.92 -20.17 -28.25
CA THR C 78 -7.74 -20.04 -29.46
C THR C 78 -6.88 -19.39 -30.57
N LYS C 79 -7.23 -19.65 -31.83
CA LYS C 79 -6.45 -19.11 -32.97
C LYS C 79 -7.10 -17.85 -33.46
N VAL C 80 -6.31 -16.80 -33.66
CA VAL C 80 -6.85 -15.53 -34.11
C VAL C 80 -7.16 -15.62 -35.61
N HIS C 81 -8.44 -15.77 -35.95
CA HIS C 81 -8.90 -15.90 -37.33
C HIS C 81 -8.63 -14.57 -38.03
N GLY C 82 -8.30 -14.64 -39.31
CA GLY C 82 -7.97 -13.44 -40.08
C GLY C 82 -6.49 -13.11 -40.06
N LYS C 83 -5.78 -13.55 -39.02
CA LYS C 83 -4.32 -13.48 -39.00
C LYS C 83 -3.82 -14.92 -39.19
N ARG C 84 -2.51 -15.09 -39.24
CA ARG C 84 -1.85 -16.39 -39.49
C ARG C 84 -0.76 -16.52 -38.43
N TYR C 85 -0.56 -17.71 -37.92
CA TYR C 85 0.41 -17.88 -36.82
C TYR C 85 0.12 -17.02 -35.55
N ALA C 86 -1.06 -16.43 -35.41
CA ALA C 86 -1.41 -15.67 -34.19
C ALA C 86 -2.38 -16.48 -33.33
N TYR C 87 -2.16 -16.44 -32.02
CA TYR C 87 -2.93 -17.27 -31.08
C TYR C 87 -3.17 -16.48 -29.81
N LYS C 88 -3.98 -17.04 -28.91
CA LYS C 88 -4.30 -16.37 -27.66
C LYS C 88 -4.54 -17.38 -26.53
N PHE C 89 -3.70 -17.32 -25.51
CA PHE C 89 -3.89 -18.15 -24.33
C PHE C 89 -5.07 -17.59 -23.50
N ASP C 90 -5.93 -18.49 -23.01
CA ASP C 90 -7.12 -18.15 -22.20
C ASP C 90 -6.88 -18.64 -20.79
N PHE C 91 -7.11 -17.78 -19.80
CA PHE C 91 -6.92 -18.17 -18.41
C PHE C 91 -7.98 -19.15 -17.91
N HIS C 92 -9.15 -19.24 -18.54
CA HIS C 92 -10.10 -20.28 -18.11
C HIS C 92 -9.45 -21.67 -18.18
N GLY C 93 -9.08 -22.09 -19.39
CA GLY C 93 -8.48 -23.42 -19.61
C GLY C 93 -7.12 -23.61 -18.94
N ILE C 94 -6.29 -22.58 -18.94
CA ILE C 94 -4.97 -22.69 -18.32
C ILE C 94 -5.07 -22.96 -16.82
N ALA C 95 -5.97 -22.27 -16.13
CA ALA C 95 -6.12 -22.46 -14.71
C ALA C 95 -6.50 -23.92 -14.44
N GLN C 96 -7.39 -24.46 -15.27
CA GLN C 96 -7.76 -25.86 -15.19
C GLN C 96 -6.63 -26.83 -15.59
N ALA C 97 -5.82 -26.48 -16.58
CA ALA C 97 -4.72 -27.34 -17.01
C ALA C 97 -3.62 -27.47 -15.96
N LEU C 98 -3.46 -26.46 -15.11
CA LEU C 98 -2.49 -26.51 -14.01
C LEU C 98 -2.86 -27.47 -12.88
N GLN C 99 -4.07 -28.01 -12.92
CA GLN C 99 -4.54 -28.89 -11.86
C GLN C 99 -4.16 -30.36 -12.15
N PRO C 100 -3.49 -31.02 -11.17
CA PRO C 100 -3.22 -32.47 -11.19
C PRO C 100 -4.25 -33.36 -11.91
N GLY D 8 1.74 37.32 13.46
CA GLY D 8 0.48 38.08 13.71
C GLY D 8 0.08 38.04 15.17
N GLN D 9 -1.01 37.31 15.46
CA GLN D 9 -1.37 36.97 16.85
C GLN D 9 -0.92 35.54 17.15
N ILE D 10 0.35 35.27 16.84
CA ILE D 10 0.95 33.96 17.03
C ILE D 10 1.25 33.70 18.51
N GLN D 11 1.13 32.45 18.93
CA GLN D 11 1.35 32.07 20.33
C GLN D 11 2.74 31.45 20.53
N LEU D 12 3.22 31.48 21.78
CA LEU D 12 4.55 30.99 22.10
C LEU D 12 4.76 29.52 21.67
N TRP D 13 3.88 28.62 22.09
CA TRP D 13 3.95 27.21 21.65
C TRP D 13 4.05 27.11 20.13
N GLN D 14 3.33 27.97 19.44
CA GLN D 14 3.28 27.97 17.98
C GLN D 14 4.58 28.50 17.39
N PHE D 15 5.17 29.47 18.08
CA PHE D 15 6.41 30.11 17.66
C PHE D 15 7.57 29.12 17.73
N LEU D 16 7.63 28.37 18.83
CA LEU D 16 8.68 27.40 19.02
C LEU D 16 8.64 26.31 17.94
N LEU D 17 7.44 25.89 17.54
CA LEU D 17 7.30 24.86 16.49
C LEU D 17 7.76 25.42 15.14
N GLU D 18 7.51 26.71 14.92
CA GLU D 18 8.00 27.41 13.73
C GLU D 18 9.52 27.33 13.66
N LEU D 19 10.18 27.69 14.75
CA LEU D 19 11.64 27.61 14.82
C LEU D 19 12.11 26.17 14.64
N LEU D 20 11.49 25.25 15.36
CA LEU D 20 11.88 23.83 15.29
C LEU D 20 11.74 23.21 13.91
N SER D 21 10.78 23.68 13.11
CA SER D 21 10.57 23.21 11.75
C SER D 21 11.77 23.39 10.81
N ASP D 22 12.60 24.39 11.10
CA ASP D 22 13.76 24.73 10.28
C ASP D 22 15.05 24.55 11.09
N SER D 23 15.88 23.61 10.66
CA SER D 23 17.11 23.28 11.36
C SER D 23 18.22 24.36 11.19
N ALA D 24 17.99 25.30 10.28
CA ALA D 24 18.77 26.53 10.23
C ALA D 24 18.64 27.38 11.51
N ASN D 25 17.79 26.94 12.44
CA ASN D 25 17.71 27.52 13.77
C ASN D 25 18.42 26.70 14.85
N ALA D 26 19.16 25.67 14.44
CA ALA D 26 19.80 24.76 15.40
C ALA D 26 20.67 25.45 16.48
N SER D 27 21.24 26.60 16.16
CA SER D 27 22.12 27.30 17.10
C SER D 27 21.35 27.90 18.28
N CYS D 28 20.03 28.07 18.14
CA CYS D 28 19.21 28.45 19.30
C CYS D 28 18.20 27.39 19.77
N ILE D 29 17.62 26.62 18.86
CA ILE D 29 16.66 25.57 19.25
C ILE D 29 16.58 24.42 18.24
N THR D 30 16.51 23.20 18.75
CA THR D 30 16.51 21.97 17.93
C THR D 30 15.77 20.83 18.62
N TRP D 31 15.15 19.97 17.82
CA TRP D 31 14.67 18.70 18.32
C TRP D 31 15.91 17.90 18.70
N GLU D 32 15.79 17.12 19.76
CA GLU D 32 16.79 16.15 20.13
C GLU D 32 16.12 15.23 21.14
N GLY D 33 16.14 13.94 20.86
CA GLY D 33 15.47 12.96 21.70
C GLY D 33 14.35 12.27 20.95
N THR D 34 13.36 11.78 21.69
CA THR D 34 12.24 11.03 21.12
C THR D 34 11.10 12.00 20.78
N ASN D 35 9.94 11.46 20.39
CA ASN D 35 8.82 12.28 19.87
C ASN D 35 8.53 13.46 20.76
N GLY D 36 8.75 14.66 20.21
CA GLY D 36 8.42 15.90 20.91
C GLY D 36 9.53 16.55 21.71
N GLU D 37 10.62 15.83 21.95
CA GLU D 37 11.73 16.36 22.78
C GLU D 37 12.62 17.31 22.00
N PHE D 38 12.89 18.46 22.63
CA PHE D 38 13.80 19.44 22.05
C PHE D 38 14.64 20.11 23.13
N LYS D 39 15.63 20.90 22.70
CA LYS D 39 16.45 21.65 23.65
C LYS D 39 16.73 23.00 23.06
N MET D 40 16.83 24.00 23.91
CA MET D 40 17.20 25.32 23.47
C MET D 40 18.72 25.45 23.58
N THR D 41 19.35 25.44 22.42
CA THR D 41 20.77 25.58 22.32
C THR D 41 21.21 27.00 22.67
N ASP D 42 20.31 27.99 22.49
CA ASP D 42 20.52 29.34 23.00
C ASP D 42 19.20 29.90 23.53
N PRO D 43 18.92 29.70 24.82
CA PRO D 43 17.65 30.19 25.33
C PRO D 43 17.52 31.71 25.28
N ASP D 44 18.64 32.41 25.42
CA ASP D 44 18.63 33.88 25.40
C ASP D 44 18.22 34.37 24.02
N GLU D 45 18.70 33.70 22.98
CA GLU D 45 18.34 34.02 21.60
C GLU D 45 16.89 33.64 21.25
N VAL D 46 16.40 32.51 21.77
CA VAL D 46 15.01 32.13 21.56
C VAL D 46 14.09 33.18 22.20
N ALA D 47 14.45 33.66 23.39
CA ALA D 47 13.69 34.73 24.04
C ALA D 47 13.74 36.04 23.23
N ARG D 48 14.89 36.36 22.64
CA ARG D 48 15.03 37.59 21.86
C ARG D 48 14.17 37.55 20.60
N ARG D 49 14.11 36.40 19.95
CA ARG D 49 13.31 36.28 18.74
C ARG D 49 11.82 36.39 19.05
N TRP D 50 11.38 35.78 20.13
CA TRP D 50 9.98 35.87 20.58
C TRP D 50 9.62 37.33 20.81
N GLY D 51 10.47 38.03 21.54
CA GLY D 51 10.30 39.46 21.79
C GLY D 51 10.06 40.24 20.50
N GLU D 52 10.91 40.03 19.51
CA GLU D 52 10.79 40.72 18.24
C GLU D 52 9.44 40.38 17.58
N ARG D 53 9.19 39.08 17.38
CA ARG D 53 7.95 38.60 16.74
C ARG D 53 6.69 39.20 17.35
N LYS D 54 6.62 39.21 18.68
CA LYS D 54 5.47 39.74 19.40
C LYS D 54 5.54 41.24 19.70
N SER D 55 6.49 41.96 19.10
CA SER D 55 6.69 43.40 19.41
C SER D 55 6.53 43.65 20.90
N LYS D 56 7.38 42.98 21.69
CA LYS D 56 7.30 43.02 23.14
C LYS D 56 8.73 42.85 23.68
N PRO D 57 9.53 43.92 23.62
CA PRO D 57 10.97 43.80 23.81
C PRO D 57 11.47 43.87 25.28
N ASN D 58 10.58 43.68 26.26
CA ASN D 58 11.03 43.47 27.65
C ASN D 58 11.20 41.97 27.95
N MET D 59 11.19 41.17 26.88
CA MET D 59 11.27 39.70 26.94
C MET D 59 12.71 39.20 27.06
N ASN D 60 12.87 38.15 27.85
CA ASN D 60 14.14 37.49 28.10
C ASN D 60 13.89 36.00 28.44
N TYR D 61 14.94 35.25 28.77
CA TYR D 61 14.76 33.82 29.06
C TYR D 61 13.90 33.60 30.31
N ASP D 62 14.08 34.43 31.33
CA ASP D 62 13.29 34.27 32.56
C ASP D 62 11.77 34.34 32.29
N LYS D 63 11.36 35.33 31.50
CA LYS D 63 9.95 35.50 31.17
C LYS D 63 9.45 34.40 30.25
N LEU D 64 10.28 34.00 29.28
CA LEU D 64 9.91 32.88 28.41
C LEU D 64 9.70 31.58 29.23
N SER D 65 10.62 31.23 30.11
CA SER D 65 10.42 30.03 30.95
C SER D 65 9.22 30.14 31.89
N ARG D 66 8.79 31.36 32.22
CA ARG D 66 7.60 31.57 33.03
C ARG D 66 6.35 31.36 32.18
N ALA D 67 6.35 31.93 30.98
CA ALA D 67 5.26 31.71 30.03
C ALA D 67 5.03 30.23 29.71
N LEU D 68 6.10 29.44 29.77
CA LEU D 68 6.02 28.01 29.48
C LEU D 68 5.43 27.20 30.62
N ARG D 69 5.53 27.68 31.85
CA ARG D 69 5.00 26.93 33.01
C ARG D 69 3.48 26.83 32.86
N TYR D 70 2.86 27.93 32.46
CA TYR D 70 1.51 27.97 31.88
C TYR D 70 1.17 26.67 31.12
N TYR D 71 2.01 26.31 30.16
CA TYR D 71 1.78 25.15 29.29
C TYR D 71 1.89 23.76 29.94
N TYR D 72 2.33 23.66 31.19
CA TYR D 72 2.48 22.36 31.81
C TYR D 72 1.13 21.81 32.24
N ASP D 73 0.34 22.64 32.90
CA ASP D 73 -1.00 22.25 33.35
C ASP D 73 -1.98 22.09 32.19
N LYS D 74 -1.72 22.76 31.06
CA LYS D 74 -2.50 22.53 29.85
C LYS D 74 -2.03 21.33 29.01
N ASN D 75 -1.04 20.59 29.49
CA ASN D 75 -0.51 19.43 28.77
C ASN D 75 0.03 19.73 27.38
N ILE D 76 0.56 20.92 27.17
CA ILE D 76 1.08 21.29 25.86
C ILE D 76 2.55 20.95 25.79
N MET D 77 3.25 21.13 26.90
CA MET D 77 4.60 20.63 27.00
C MET D 77 4.96 20.32 28.45
N THR D 78 6.18 19.82 28.64
CA THR D 78 6.72 19.55 29.97
C THR D 78 8.23 19.80 29.95
N LYS D 79 8.78 20.19 31.10
CA LYS D 79 10.22 20.43 31.26
C LYS D 79 10.88 19.14 31.66
N VAL D 80 11.91 18.72 30.91
CA VAL D 80 12.65 17.53 31.30
C VAL D 80 13.50 17.86 32.54
N HIS D 81 12.95 17.53 33.71
CA HIS D 81 13.63 17.76 34.99
C HIS D 81 14.94 16.98 34.95
N GLY D 82 15.97 17.53 35.58
CA GLY D 82 17.28 16.91 35.60
C GLY D 82 18.18 17.55 34.55
N LYS D 83 17.71 17.56 33.31
CA LYS D 83 18.36 18.35 32.24
C LYS D 83 18.02 19.82 32.42
N ARG D 84 18.75 20.67 31.71
CA ARG D 84 18.49 22.11 31.69
C ARG D 84 18.30 22.54 30.24
N TYR D 85 17.39 23.48 30.03
CA TYR D 85 16.96 23.90 28.67
C TYR D 85 16.31 22.81 27.79
N ALA D 86 16.02 21.63 28.32
CA ALA D 86 15.32 20.57 27.55
C ALA D 86 13.83 20.52 27.89
N TYR D 87 13.01 20.25 26.88
CA TYR D 87 11.55 20.32 26.99
C TYR D 87 10.95 19.24 26.11
N LYS D 88 9.63 19.09 26.16
CA LYS D 88 8.97 18.07 25.36
C LYS D 88 7.54 18.45 25.08
N PHE D 89 7.21 18.65 23.80
CA PHE D 89 5.82 18.89 23.38
C PHE D 89 4.98 17.62 23.55
N ASP D 90 3.75 17.76 24.06
CA ASP D 90 2.81 16.64 24.29
C ASP D 90 1.67 16.78 23.30
N PHE D 91 1.33 15.71 22.59
CA PHE D 91 0.25 15.77 21.61
C PHE D 91 -1.14 15.89 22.23
N HIS D 92 -1.29 15.61 23.52
CA HIS D 92 -2.61 15.80 24.18
C HIS D 92 -3.06 17.25 24.12
N GLY D 93 -2.27 18.13 24.71
CA GLY D 93 -2.57 19.56 24.74
C GLY D 93 -2.44 20.25 23.39
N ILE D 94 -1.45 19.86 22.59
CA ILE D 94 -1.27 20.48 21.27
C ILE D 94 -2.49 20.30 20.38
N ALA D 95 -3.06 19.09 20.35
CA ALA D 95 -4.23 18.83 19.55
C ALA D 95 -5.39 19.73 19.99
N GLN D 96 -5.54 19.89 21.30
CA GLN D 96 -6.55 20.78 21.85
C GLN D 96 -6.26 22.25 21.54
N ALA D 97 -5.03 22.68 21.79
CA ALA D 97 -4.64 24.07 21.51
C ALA D 97 -4.82 24.47 20.03
N LEU D 98 -4.87 23.50 19.13
CA LEU D 98 -5.20 23.78 17.73
C LEU D 98 -6.67 24.07 17.49
N GLN D 99 -7.53 23.73 18.44
CA GLN D 99 -8.97 23.91 18.25
C GLN D 99 -9.40 25.34 18.58
N PRO D 100 -10.17 25.97 17.66
CA PRO D 100 -10.77 27.28 17.93
C PRO D 100 -12.06 27.19 18.74
CO CO E . 1.10 -8.19 -19.70
CO CO F . 10.23 12.21 14.30
CO CO G . -11.81 -17.57 -21.39
CO CO H . 0.37 13.46 26.90
#